data_5FJ4
#
_entry.id   5FJ4
#
_cell.length_a   131.853
_cell.length_b   161.226
_cell.length_c   149.899
_cell.angle_alpha   90.00
_cell.angle_beta   90.00
_cell.angle_gamma   90.00
#
_symmetry.space_group_name_H-M   'C 2 2 21'
#
loop_
_entity.id
_entity.type
_entity.pdbx_description
1 polymer 'U1 SMALL NUCLEAR RIBONUCLEOPROTEIN A'
2 polymer '50S RIBOSOMAL PROTEIN L7AE'
3 polymer HMKT-7
#
loop_
_entity_poly.entity_id
_entity_poly.type
_entity_poly.pdbx_seq_one_letter_code
_entity_poly.pdbx_strand_id
1 'polypeptide(L)'
;MAVPETRPNHTIYINNLNEKIKKDELKKSLHAIFSRFGQILDILVSRSLKMRGQAFVIFKEVSSATNALRSMQGFPFYDK
PMRIQYAKTDSDIIAKMKGTFV
;
A,B,E,F
2 'polypeptide(L)'
;GPEASYVKFEVPEDMQNEALSLLEKVRESGKVKKGTNETTKAVERGLAKLVYIAEDVDPPEIVAHLPLLCEEKNVPYIYV
KSKNDLGRAVGIEVPCASAAIINEGELRKELGSLVEKIKGLQK
;
C,G
3 'polyribonucleotide' GAGGGAGCGCCAUUGCACUCCGGUGCGAAGAACUC D,H
#
# COMPACT_ATOMS: atom_id res chain seq x y z
N THR A 6 54.94 3.51 -17.48
CA THR A 6 54.29 3.47 -18.79
C THR A 6 54.22 4.89 -19.36
N ARG A 7 54.10 4.96 -20.70
CA ARG A 7 53.65 6.09 -21.49
C ARG A 7 52.34 6.57 -20.92
N PRO A 8 52.12 7.89 -20.86
CA PRO A 8 50.86 8.39 -20.35
C PRO A 8 49.70 8.04 -21.29
N ASN A 9 48.51 8.16 -20.73
CA ASN A 9 47.32 7.74 -21.42
C ASN A 9 46.17 8.47 -20.72
N HIS A 10 45.10 8.74 -21.48
CA HIS A 10 43.88 9.33 -20.91
C HIS A 10 43.37 8.49 -19.76
N THR A 11 43.54 7.17 -19.84
CA THR A 11 42.88 6.27 -18.91
C THR A 11 43.83 5.78 -17.85
N ILE A 12 43.39 5.81 -16.61
CA ILE A 12 44.17 5.20 -15.56
C ILE A 12 43.60 3.83 -15.25
N TYR A 13 44.50 2.95 -14.83
CA TYR A 13 44.16 1.59 -14.44
C TYR A 13 44.43 1.54 -12.94
N ILE A 14 43.36 1.38 -12.18
CA ILE A 14 43.47 1.23 -10.73
C ILE A 14 43.21 -0.22 -10.37
N ASN A 15 44.01 -0.75 -9.45
CA ASN A 15 43.72 -2.05 -8.88
C ASN A 15 44.16 -2.01 -7.43
N ASN A 16 44.05 -3.15 -6.76
CA ASN A 16 44.00 -3.22 -5.30
C ASN A 16 42.82 -2.44 -4.76
N LEU A 17 41.69 -2.52 -5.46
CA LEU A 17 40.45 -1.98 -4.92
C LEU A 17 39.79 -2.99 -4.01
N ASN A 18 39.03 -2.49 -3.05
CA ASN A 18 38.32 -3.36 -2.13
C ASN A 18 37.19 -4.07 -2.87
N GLU A 19 37.30 -5.39 -2.98
CA GLU A 19 36.43 -6.16 -3.84
C GLU A 19 35.04 -6.42 -3.25
N LYS A 20 34.82 -6.10 -1.97
CA LYS A 20 33.53 -6.35 -1.30
C LYS A 20 32.46 -5.30 -1.65
N ILE A 21 32.79 -4.32 -2.46
CA ILE A 21 31.98 -3.13 -2.74
C ILE A 21 31.29 -3.25 -4.10
N LYS A 22 29.99 -2.96 -4.14
CA LYS A 22 29.21 -3.22 -5.34
C LYS A 22 29.52 -2.18 -6.42
N LYS A 23 29.12 -2.49 -7.67
CA LYS A 23 29.69 -1.85 -8.86
C LYS A 23 29.36 -0.37 -8.92
N ASP A 24 28.08 -0.01 -8.73
CA ASP A 24 27.73 1.40 -8.91
C ASP A 24 28.23 2.23 -7.76
N GLU A 25 28.13 1.71 -6.53
CA GLU A 25 28.73 2.42 -5.42
C GLU A 25 30.19 2.73 -5.70
N LEU A 26 30.88 1.79 -6.34
CA LEU A 26 32.31 2.01 -6.50
C LEU A 26 32.56 3.02 -7.62
N LYS A 27 31.84 2.91 -8.74
CA LYS A 27 31.97 3.94 -9.78
C LYS A 27 31.68 5.31 -9.21
N LYS A 28 30.71 5.39 -8.33
CA LYS A 28 30.42 6.76 -8.05
C LYS A 28 31.33 7.28 -6.94
N SER A 29 31.98 6.38 -6.17
CA SER A 29 33.03 6.80 -5.25
C SER A 29 34.29 7.21 -5.98
N LEU A 30 34.57 6.58 -7.12
CA LEU A 30 35.75 7.04 -7.84
C LEU A 30 35.50 8.35 -8.58
N HIS A 31 34.29 8.60 -9.10
CA HIS A 31 34.01 9.98 -9.51
C HIS A 31 34.13 10.94 -8.34
N ALA A 32 33.68 10.56 -7.15
CA ALA A 32 33.80 11.49 -6.02
C ALA A 32 35.24 11.93 -5.81
N ILE A 33 36.18 10.97 -5.85
CA ILE A 33 37.55 11.39 -5.57
C ILE A 33 38.39 11.75 -6.79
N PHE A 34 37.87 11.59 -8.00
CA PHE A 34 38.66 11.87 -9.17
C PHE A 34 38.14 13.03 -10.02
N SER A 35 36.87 13.44 -9.84
CA SER A 35 36.32 14.57 -10.56
C SER A 35 37.22 15.78 -10.47
N ARG A 36 37.88 15.95 -9.30
CA ARG A 36 38.81 17.04 -9.04
C ARG A 36 39.76 17.33 -10.19
N PHE A 37 40.28 16.26 -10.81
CA PHE A 37 41.32 16.47 -11.80
C PHE A 37 40.79 16.72 -13.21
N GLY A 38 39.47 16.68 -13.44
CA GLY A 38 38.99 17.12 -14.74
C GLY A 38 37.89 16.22 -15.27
N GLN A 39 37.42 16.47 -16.51
CA GLN A 39 36.27 15.75 -17.04
C GLN A 39 36.56 14.28 -17.15
N ILE A 40 35.63 13.46 -16.66
CA ILE A 40 35.71 12.01 -16.73
C ILE A 40 34.72 11.54 -17.76
N LEU A 41 35.22 10.89 -18.80
CA LEU A 41 34.30 10.44 -19.82
C LEU A 41 33.57 9.21 -19.38
N ASP A 42 34.24 8.37 -18.62
CA ASP A 42 33.61 7.14 -18.22
C ASP A 42 34.45 6.50 -17.13
N ILE A 43 33.78 5.67 -16.34
CA ILE A 43 34.43 4.83 -15.37
C ILE A 43 33.90 3.44 -15.59
N LEU A 44 34.78 2.49 -15.84
CA LEU A 44 34.41 1.13 -16.25
C LEU A 44 34.88 0.21 -15.15
N VAL A 45 33.93 -0.45 -14.46
CA VAL A 45 34.33 -1.47 -13.51
C VAL A 45 33.53 -2.73 -13.77
N SER A 46 34.16 -3.86 -13.45
CA SER A 46 33.52 -5.16 -13.55
C SER A 46 33.99 -5.97 -12.36
N ARG A 47 33.20 -6.98 -12.02
CA ARG A 47 33.62 -7.87 -10.95
C ARG A 47 33.58 -9.33 -11.38
N SER A 48 33.81 -9.58 -12.67
CA SER A 48 34.22 -10.89 -13.14
C SER A 48 35.40 -11.39 -12.33
N LEU A 49 35.55 -12.72 -12.28
CA LEU A 49 36.73 -13.31 -11.67
C LEU A 49 38.01 -12.67 -12.15
N LYS A 50 38.11 -12.36 -13.44
CA LYS A 50 39.34 -11.81 -13.97
C LYS A 50 39.43 -10.29 -13.86
N MET A 51 38.37 -9.62 -13.39
CA MET A 51 38.40 -8.17 -13.29
C MET A 51 37.96 -7.65 -11.93
N ARG A 52 37.91 -8.52 -10.91
CA ARG A 52 37.73 -8.12 -9.53
C ARG A 52 38.71 -7.02 -9.18
N GLY A 53 38.28 -6.07 -8.34
CA GLY A 53 39.24 -5.19 -7.72
C GLY A 53 40.02 -4.25 -8.63
N GLN A 54 39.58 -4.12 -9.87
CA GLN A 54 40.21 -3.18 -10.79
C GLN A 54 39.14 -2.27 -11.38
N ALA A 55 39.59 -1.07 -11.80
CA ALA A 55 38.73 -0.11 -12.49
C ALA A 55 39.55 0.70 -13.48
N PHE A 56 38.88 1.13 -14.56
CA PHE A 56 39.44 2.04 -15.56
C PHE A 56 38.76 3.41 -15.48
N VAL A 57 39.55 4.46 -15.27
CA VAL A 57 38.98 5.81 -15.24
C VAL A 57 39.46 6.58 -16.46
N ILE A 58 38.49 7.02 -17.29
CA ILE A 58 38.78 7.56 -18.61
C ILE A 58 38.68 9.07 -18.49
N PHE A 59 39.82 9.72 -18.36
CA PHE A 59 39.77 11.17 -18.39
C PHE A 59 39.73 11.65 -19.83
N LYS A 60 39.26 12.86 -19.99
CA LYS A 60 39.24 13.53 -21.27
C LYS A 60 40.54 14.16 -21.69
N GLU A 61 41.37 14.59 -20.76
CA GLU A 61 42.66 15.10 -21.17
C GLU A 61 43.73 14.39 -20.37
N VAL A 62 44.78 13.97 -21.08
CA VAL A 62 45.68 13.06 -20.42
C VAL A 62 46.36 13.79 -19.28
N SER A 63 46.46 15.13 -19.33
CA SER A 63 46.95 15.83 -18.14
C SER A 63 46.11 15.51 -16.92
N SER A 64 44.77 15.41 -17.07
CA SER A 64 43.99 14.99 -15.91
C SER A 64 44.42 13.62 -15.43
N ALA A 65 44.61 12.66 -16.34
CA ALA A 65 45.09 11.35 -15.93
C ALA A 65 46.40 11.44 -15.15
N THR A 66 47.41 12.22 -15.63
CA THR A 66 48.66 12.09 -14.91
C THR A 66 48.63 12.88 -13.59
N ASN A 67 47.84 13.97 -13.51
CA ASN A 67 47.69 14.62 -12.22
C ASN A 67 46.95 13.72 -11.23
N ALA A 68 45.96 12.98 -11.72
CA ALA A 68 45.24 12.00 -10.91
C ALA A 68 46.16 10.89 -10.40
N LEU A 69 46.93 10.30 -11.31
CA LEU A 69 47.80 9.20 -10.94
C LEU A 69 48.89 9.65 -9.98
N ARG A 70 49.32 10.91 -10.08
CA ARG A 70 50.31 11.35 -9.12
C ARG A 70 49.71 11.70 -7.77
N SER A 71 48.49 12.26 -7.74
CA SER A 71 47.93 12.69 -6.46
C SER A 71 47.38 11.53 -5.65
N MET A 72 46.64 10.63 -6.30
CA MET A 72 45.91 9.60 -5.57
C MET A 72 46.70 8.34 -5.41
N GLN A 73 48.00 8.36 -5.72
CA GLN A 73 48.80 7.14 -5.63
C GLN A 73 48.83 6.64 -4.20
N GLY A 74 48.47 5.37 -4.02
CA GLY A 74 48.49 4.82 -2.68
C GLY A 74 47.43 5.37 -1.75
N PHE A 75 46.49 6.14 -2.26
CA PHE A 75 45.45 6.70 -1.41
C PHE A 75 44.55 5.59 -0.88
N PRO A 76 44.36 5.50 0.42
CA PRO A 76 43.51 4.43 0.96
C PRO A 76 42.02 4.63 0.73
N PHE A 77 41.57 4.06 -0.40
CA PHE A 77 40.18 4.07 -0.81
C PHE A 77 39.51 2.85 -0.17
N TYR A 78 38.47 3.09 0.61
CA TYR A 78 37.84 2.03 1.41
C TYR A 78 38.88 1.29 2.23
N ASP A 79 39.77 2.06 2.86
CA ASP A 79 40.82 1.50 3.69
C ASP A 79 41.70 0.52 2.91
N LYS A 80 42.01 0.85 1.64
CA LYS A 80 42.94 0.07 0.82
C LYS A 80 43.70 0.96 -0.18
N PRO A 81 45.02 1.03 -0.08
CA PRO A 81 45.84 1.89 -0.97
C PRO A 81 45.73 1.48 -2.43
N MET A 82 45.18 2.37 -3.27
CA MET A 82 45.07 2.07 -4.69
C MET A 82 46.43 2.03 -5.38
N ARG A 83 46.55 1.11 -6.33
CA ARG A 83 47.59 1.14 -7.34
C ARG A 83 47.03 1.81 -8.59
N ILE A 84 47.58 2.96 -8.93
CA ILE A 84 47.25 3.64 -10.18
C ILE A 84 48.44 3.56 -11.12
N GLN A 85 48.19 3.11 -12.34
CA GLN A 85 49.14 3.32 -13.42
C GLN A 85 48.35 3.78 -14.63
N TYR A 86 49.02 3.98 -15.76
CA TYR A 86 48.25 4.30 -16.94
C TYR A 86 47.80 3.04 -17.63
N ALA A 87 46.72 3.16 -18.37
CA ALA A 87 46.19 2.06 -19.13
C ALA A 87 47.19 1.69 -20.20
N LYS A 88 47.27 0.40 -20.53
CA LYS A 88 48.27 0.04 -21.54
C LYS A 88 47.82 0.41 -22.94
N THR A 89 46.51 0.35 -23.21
CA THR A 89 45.97 0.71 -24.51
C THR A 89 44.80 1.65 -24.31
N ASP A 90 44.56 2.50 -25.31
CA ASP A 90 43.47 3.47 -25.22
C ASP A 90 42.13 2.78 -25.09
N SER A 91 41.25 3.39 -24.32
CA SER A 91 39.88 2.90 -24.25
C SER A 91 39.15 3.18 -25.55
N ASP A 92 38.14 2.36 -25.81
CA ASP A 92 37.46 2.47 -27.09
C ASP A 92 37.05 3.92 -27.33
N ILE A 93 36.51 4.60 -26.31
CA ILE A 93 35.97 5.94 -26.57
C ILE A 93 37.09 6.93 -26.88
N ILE A 94 38.24 6.83 -26.20
CA ILE A 94 39.38 7.65 -26.62
C ILE A 94 39.75 7.31 -28.06
N ALA A 95 39.85 6.01 -28.37
CA ALA A 95 40.08 5.59 -29.74
C ALA A 95 39.10 6.27 -30.71
N LYS A 96 37.80 6.27 -30.42
CA LYS A 96 36.90 6.93 -31.36
C LYS A 96 37.13 8.43 -31.41
N MET A 97 37.48 9.07 -30.28
CA MET A 97 37.80 10.50 -30.34
C MET A 97 39.07 10.77 -31.16
N LYS A 98 39.92 9.77 -31.36
CA LYS A 98 40.98 9.96 -32.34
C LYS A 98 40.78 9.15 -33.60
N GLY A 99 40.12 8.00 -33.47
CA GLY A 99 39.59 7.23 -34.57
C GLY A 99 40.51 6.91 -35.67
N THR A 100 41.54 6.04 -35.56
CA THR A 100 41.97 5.00 -34.55
C THR A 100 40.97 3.89 -34.16
N PHE A 101 39.72 4.19 -33.83
CA PHE A 101 38.84 3.09 -33.49
C PHE A 101 38.53 2.25 -34.73
N VAL A 102 38.51 0.94 -34.52
CA VAL A 102 38.23 -0.05 -35.55
C VAL A 102 37.61 -1.32 -34.92
N THR B 6 38.06 25.05 18.06
CA THR B 6 37.17 24.24 18.89
C THR B 6 37.91 23.04 19.51
N ARG B 7 37.52 22.70 20.74
CA ARG B 7 38.10 21.54 21.39
C ARG B 7 37.81 20.27 20.58
N PRO B 8 38.73 19.30 20.60
CA PRO B 8 38.50 18.00 19.96
C PRO B 8 37.15 17.38 20.32
N ASN B 9 36.68 16.52 19.41
CA ASN B 9 35.44 15.75 19.55
C ASN B 9 35.41 14.68 18.46
N HIS B 10 34.91 13.48 18.82
CA HIS B 10 34.93 12.28 17.96
C HIS B 10 34.06 12.42 16.74
N THR B 11 33.27 13.48 16.63
CA THR B 11 32.48 13.75 15.44
C THR B 11 33.12 14.89 14.68
N ILE B 12 33.30 14.75 13.37
CA ILE B 12 33.78 15.88 12.58
C ILE B 12 32.63 16.42 11.76
N TYR B 13 32.68 17.71 11.50
CA TYR B 13 31.62 18.47 10.85
C TYR B 13 32.23 19.07 9.61
N ILE B 14 31.74 18.60 8.46
CA ILE B 14 32.23 18.97 7.14
C ILE B 14 31.20 19.88 6.50
N ASN B 15 31.66 20.96 5.89
CA ASN B 15 30.81 21.66 4.96
C ASN B 15 31.63 22.19 3.78
N ASN B 16 30.88 22.72 2.81
CA ASN B 16 31.26 22.95 1.44
C ASN B 16 31.11 21.65 0.64
N LEU B 17 30.28 20.73 1.11
CA LEU B 17 29.95 19.56 0.28
C LEU B 17 29.05 19.96 -0.87
N ASN B 18 29.27 19.31 -2.02
CA ASN B 18 28.47 19.58 -3.20
C ASN B 18 27.00 19.31 -2.90
N GLU B 19 26.17 20.33 -3.10
CA GLU B 19 24.78 20.27 -2.68
C GLU B 19 23.95 19.36 -3.58
N LYS B 20 24.27 19.31 -4.87
CA LYS B 20 23.43 18.70 -5.90
C LYS B 20 23.38 17.16 -5.83
N ILE B 21 24.27 16.56 -5.05
CA ILE B 21 24.47 15.13 -5.06
C ILE B 21 23.48 14.43 -4.15
N LYS B 22 22.79 13.42 -4.70
CA LYS B 22 21.85 12.60 -3.92
C LYS B 22 22.53 12.01 -2.68
N LYS B 23 21.74 11.77 -1.62
CA LYS B 23 22.38 11.68 -0.31
C LYS B 23 22.86 10.31 0.11
N ASP B 24 22.23 9.24 -0.35
CA ASP B 24 22.82 7.95 -0.03
C ASP B 24 24.20 7.86 -0.63
N GLU B 25 24.31 8.17 -1.93
CA GLU B 25 25.62 8.22 -2.56
C GLU B 25 26.58 9.13 -1.80
N LEU B 26 26.09 10.26 -1.31
CA LEU B 26 27.02 11.16 -0.66
C LEU B 26 27.55 10.51 0.62
N LYS B 27 26.65 9.97 1.46
N LYS B 27 26.65 9.97 1.45
CA LYS B 27 27.05 9.13 2.61
CA LYS B 27 27.02 9.13 2.59
C LYS B 27 28.06 8.05 2.23
C LYS B 27 28.05 8.07 2.22
N LYS B 28 27.75 7.25 1.20
CA LYS B 28 28.70 6.19 0.85
C LYS B 28 30.02 6.75 0.38
N SER B 29 30.02 7.94 -0.20
CA SER B 29 31.32 8.42 -0.68
C SER B 29 32.15 8.96 0.47
N LEU B 30 31.49 9.66 1.43
CA LEU B 30 32.19 9.88 2.69
C LEU B 30 32.73 8.59 3.27
N HIS B 31 31.95 7.52 3.29
CA HIS B 31 32.51 6.30 3.88
C HIS B 31 33.73 5.86 3.10
N ALA B 32 33.59 5.74 1.79
CA ALA B 32 34.75 5.47 0.94
C ALA B 32 35.99 6.20 1.38
N ILE B 33 35.86 7.48 1.75
CA ILE B 33 37.11 8.19 2.01
C ILE B 33 37.47 8.31 3.48
N PHE B 34 36.61 7.90 4.40
CA PHE B 34 36.92 8.11 5.82
C PHE B 34 37.01 6.83 6.64
N SER B 35 36.62 5.68 6.09
CA SER B 35 36.76 4.40 6.79
C SER B 35 38.21 4.11 7.14
N ARG B 36 39.11 4.60 6.28
CA ARG B 36 40.54 4.50 6.53
C ARG B 36 40.93 4.90 7.95
N PHE B 37 40.26 5.92 8.53
CA PHE B 37 40.67 6.49 9.81
C PHE B 37 40.14 5.74 11.05
N GLY B 38 39.12 4.90 10.92
CA GLY B 38 38.63 4.16 12.07
C GLY B 38 37.18 3.77 11.87
N GLN B 39 36.64 3.12 12.90
N GLN B 39 36.63 3.11 12.90
CA GLN B 39 35.25 2.68 12.84
CA GLN B 39 35.25 2.64 12.81
C GLN B 39 34.33 3.90 12.82
C GLN B 39 34.30 3.84 12.84
N ILE B 40 33.42 3.93 11.84
CA ILE B 40 32.40 4.97 11.79
C ILE B 40 31.12 4.43 12.38
N LEU B 41 30.55 5.13 13.36
CA LEU B 41 29.23 4.72 13.84
C LEU B 41 28.14 5.15 12.90
N ASP B 42 28.21 6.36 12.38
CA ASP B 42 27.16 6.80 11.49
C ASP B 42 27.69 8.00 10.71
N ILE B 43 27.19 8.15 9.48
CA ILE B 43 27.43 9.30 8.61
C ILE B 43 26.10 10.02 8.49
N LEU B 44 26.12 11.33 8.70
CA LEU B 44 24.91 12.14 8.91
C LEU B 44 24.96 13.34 7.95
N VAL B 45 24.33 13.26 6.79
CA VAL B 45 24.45 14.33 5.80
C VAL B 45 23.29 15.30 5.93
N SER B 46 23.42 16.48 5.31
CA SER B 46 22.32 17.43 5.37
C SER B 46 21.22 17.03 4.41
N ARG B 47 20.04 17.63 4.55
CA ARG B 47 19.02 17.66 3.44
C ARG B 47 18.19 18.94 3.36
N SER B 48 18.05 19.52 2.16
CA SER B 48 18.81 19.15 0.94
C SER B 48 18.78 20.05 -0.25
N LEU B 49 19.58 19.55 -1.19
CA LEU B 49 19.75 20.02 -2.56
C LEU B 49 19.90 21.54 -2.59
N LYS B 50 18.90 22.28 -2.12
CA LYS B 50 18.93 23.73 -2.27
C LYS B 50 19.79 24.41 -1.20
N MET B 51 19.54 24.12 0.09
CA MET B 51 20.37 24.72 1.13
C MET B 51 21.79 24.19 0.93
N ARG B 52 22.76 24.69 1.68
CA ARG B 52 24.15 24.36 1.35
C ARG B 52 24.42 22.85 1.63
N GLY B 53 25.69 22.47 1.73
CA GLY B 53 26.00 21.14 2.21
C GLY B 53 27.05 20.98 3.29
N GLN B 54 26.63 20.34 4.39
CA GLN B 54 27.39 19.88 5.58
C GLN B 54 27.06 18.43 5.80
N ALA B 55 27.89 17.73 6.58
CA ALA B 55 27.57 16.43 7.16
C ALA B 55 28.45 16.20 8.39
N PHE B 56 27.92 15.51 9.39
CA PHE B 56 28.72 15.03 10.50
C PHE B 56 29.07 13.59 10.21
N VAL B 57 30.36 13.26 10.24
CA VAL B 57 30.78 11.86 10.32
C VAL B 57 31.14 11.57 11.78
N ILE B 58 30.58 10.50 12.34
CA ILE B 58 30.74 10.18 13.75
C ILE B 58 31.76 9.05 13.90
N PHE B 59 32.98 9.38 14.27
CA PHE B 59 33.92 8.35 14.60
C PHE B 59 33.68 7.85 16.01
N LYS B 60 34.18 6.66 16.29
CA LYS B 60 34.00 6.09 17.62
C LYS B 60 35.13 6.46 18.56
N GLU B 61 36.21 7.00 18.03
CA GLU B 61 37.35 7.41 18.84
C GLU B 61 37.78 8.78 18.34
N VAL B 62 38.07 9.70 19.26
CA VAL B 62 38.35 11.08 18.83
C VAL B 62 39.66 11.15 18.07
N SER B 63 40.64 10.30 18.39
CA SER B 63 41.90 10.32 17.65
C SER B 63 41.67 10.07 16.16
N SER B 64 40.72 9.20 15.82
CA SER B 64 40.38 9.00 14.41
C SER B 64 39.74 10.24 13.83
N ALA B 65 38.82 10.85 14.58
CA ALA B 65 38.22 12.09 14.09
C ALA B 65 39.29 13.12 13.80
N THR B 66 40.24 13.29 14.73
CA THR B 66 41.26 14.33 14.49
C THR B 66 42.17 13.86 13.38
N ASN B 67 42.24 12.54 13.16
CA ASN B 67 43.02 12.07 12.03
C ASN B 67 42.37 12.52 10.71
N ALA B 68 41.08 12.14 10.48
CA ALA B 68 40.31 12.72 9.38
C ALA B 68 40.57 14.20 9.21
N LEU B 69 40.59 14.95 10.30
CA LEU B 69 40.62 16.39 10.13
C LEU B 69 42.00 16.86 9.69
N ARG B 70 43.11 16.39 10.31
CA ARG B 70 44.40 16.87 9.82
C ARG B 70 44.60 16.44 8.37
N SER B 71 44.08 15.27 8.01
CA SER B 71 44.54 14.71 6.75
C SER B 71 43.67 15.18 5.59
N MET B 72 42.34 15.05 5.71
CA MET B 72 41.40 15.33 4.65
C MET B 72 41.04 16.81 4.54
N GLN B 73 41.70 17.66 5.32
CA GLN B 73 41.40 19.07 5.22
C GLN B 73 41.58 19.53 3.78
N GLY B 74 40.60 20.27 3.27
CA GLY B 74 40.77 20.91 1.99
C GLY B 74 40.81 19.99 0.79
N PHE B 75 40.64 18.70 1.05
CA PHE B 75 40.62 17.69 0.00
C PHE B 75 39.45 17.90 -0.94
N PRO B 76 39.66 17.87 -2.18
CA PRO B 76 38.58 18.08 -3.16
C PRO B 76 37.65 16.91 -3.41
N PHE B 77 36.65 16.81 -2.53
CA PHE B 77 35.55 15.85 -2.65
C PHE B 77 34.54 16.37 -3.67
N TYR B 78 34.33 15.61 -4.73
CA TYR B 78 33.54 16.09 -5.87
C TYR B 78 33.98 17.50 -6.28
N ASP B 79 35.27 17.66 -6.47
CA ASP B 79 35.84 18.92 -6.98
C ASP B 79 35.48 20.12 -6.11
N LYS B 80 35.23 19.87 -4.80
CA LYS B 80 35.01 20.98 -3.87
C LYS B 80 35.76 20.73 -2.55
N PRO B 81 36.79 21.53 -2.26
CA PRO B 81 37.68 21.26 -1.11
C PRO B 81 36.88 21.30 0.19
N MET B 82 36.96 20.22 0.97
CA MET B 82 36.17 20.15 2.18
C MET B 82 36.69 21.13 3.24
N ARG B 83 35.79 21.93 3.80
N ARG B 83 35.80 21.96 3.79
CA ARG B 83 36.07 22.73 4.99
CA ARG B 83 36.10 22.73 5.00
C ARG B 83 35.63 21.89 6.18
C ARG B 83 35.63 21.88 6.16
N ILE B 84 36.59 21.39 6.95
CA ILE B 84 36.33 20.39 7.98
C ILE B 84 36.81 20.94 9.32
N GLN B 85 35.97 20.77 10.35
CA GLN B 85 36.29 21.18 11.72
C GLN B 85 35.66 20.16 12.67
N TYR B 86 35.91 20.30 13.97
CA TYR B 86 35.22 19.43 14.91
C TYR B 86 33.79 19.89 15.11
N ALA B 87 32.94 18.92 15.40
CA ALA B 87 31.58 19.23 15.80
C ALA B 87 31.58 19.90 17.17
N LYS B 88 30.66 20.83 17.37
CA LYS B 88 30.53 21.52 18.65
C LYS B 88 29.69 20.69 19.61
N THR B 89 29.33 21.29 20.74
CA THR B 89 28.73 20.62 21.90
C THR B 89 27.51 19.79 21.49
N ASP B 90 27.75 18.53 21.13
CA ASP B 90 26.71 17.58 20.75
C ASP B 90 25.86 18.04 19.57
N SER B 91 26.42 18.88 18.68
CA SER B 91 25.67 19.36 17.50
C SER B 91 25.09 18.21 16.69
N ASP B 92 25.78 17.07 16.63
CA ASP B 92 25.34 15.97 15.78
C ASP B 92 24.02 15.38 16.27
N ILE B 93 23.91 15.11 17.58
CA ILE B 93 22.66 14.49 17.99
C ILE B 93 21.48 15.46 17.77
N ILE B 94 21.66 16.78 17.92
CA ILE B 94 20.53 17.66 17.61
C ILE B 94 20.21 17.63 16.14
N ALA B 95 21.23 17.78 15.31
CA ALA B 95 21.03 17.79 13.87
C ALA B 95 20.32 16.52 13.39
N LYS B 96 20.54 15.39 14.06
CA LYS B 96 19.81 14.19 13.66
C LYS B 96 18.35 14.26 14.10
N MET B 97 18.04 14.85 15.27
CA MET B 97 16.65 15.09 15.63
C MET B 97 15.95 16.00 14.63
N LYS B 98 15.56 17.22 15.05
CA LYS B 98 14.93 18.25 14.21
C LYS B 98 14.18 17.79 12.93
N GLY B 99 14.38 16.54 12.49
CA GLY B 99 13.96 16.03 11.18
C GLY B 99 14.58 16.82 10.07
N THR B 100 15.30 16.20 9.13
CA THR B 100 15.71 16.82 7.79
C THR B 100 17.22 17.43 7.59
N PHE B 101 18.43 16.87 7.93
CA PHE B 101 18.82 15.56 8.37
C PHE B 101 20.12 15.89 9.17
N VAL B 102 20.92 16.85 8.70
CA VAL B 102 21.83 17.59 9.60
C VAL B 102 21.01 18.61 10.40
N ALA C 4 -5.63 -30.52 -4.86
CA ALA C 4 -5.58 -30.90 -3.45
C ALA C 4 -4.72 -29.90 -2.66
N SER C 5 -5.32 -29.16 -1.73
CA SER C 5 -6.77 -29.09 -1.51
C SER C 5 -7.16 -27.68 -1.07
N TYR C 6 -6.16 -26.85 -0.73
CA TYR C 6 -6.45 -25.42 -0.66
C TYR C 6 -6.65 -24.81 -2.06
N VAL C 7 -6.42 -25.60 -3.11
CA VAL C 7 -6.79 -25.19 -4.46
C VAL C 7 -8.30 -25.28 -4.57
N LYS C 8 -8.95 -24.15 -4.84
CA LYS C 8 -10.41 -24.12 -4.87
C LYS C 8 -10.93 -24.61 -6.20
N PHE C 9 -10.15 -24.38 -7.26
CA PHE C 9 -10.48 -24.78 -8.63
C PHE C 9 -9.21 -25.20 -9.35
N GLU C 10 -9.35 -26.20 -10.23
CA GLU C 10 -8.27 -26.60 -11.11
C GLU C 10 -8.27 -25.73 -12.36
N VAL C 11 -7.09 -25.55 -12.92
CA VAL C 11 -6.89 -24.82 -14.18
C VAL C 11 -5.91 -25.57 -15.07
N PRO C 12 -6.08 -25.55 -16.38
CA PRO C 12 -5.37 -26.49 -17.24
C PRO C 12 -4.03 -25.92 -17.70
N GLU C 13 -3.07 -26.84 -17.82
CA GLU C 13 -1.64 -26.51 -17.89
C GLU C 13 -1.32 -25.28 -18.74
N ASP C 14 -1.78 -25.25 -20.00
CA ASP C 14 -1.25 -24.23 -20.90
C ASP C 14 -1.88 -22.87 -20.67
N MET C 15 -2.98 -22.79 -19.87
CA MET C 15 -3.42 -21.49 -19.38
C MET C 15 -2.57 -21.01 -18.20
N GLN C 16 -2.15 -21.93 -17.37
CA GLN C 16 -1.17 -21.58 -16.39
C GLN C 16 0.12 -21.11 -17.06
N ASN C 17 0.50 -21.61 -18.24
CA ASN C 17 1.78 -21.24 -18.84
C ASN C 17 1.77 -19.90 -19.57
N GLU C 18 0.75 -19.52 -20.38
CA GLU C 18 0.78 -18.08 -20.70
C GLU C 18 0.73 -17.26 -19.43
N ALA C 19 0.09 -17.77 -18.37
CA ALA C 19 0.12 -16.97 -17.13
C ALA C 19 1.54 -16.73 -16.64
N LEU C 20 2.37 -17.78 -16.49
CA LEU C 20 3.70 -17.50 -15.94
C LEU C 20 4.61 -16.81 -16.94
N SER C 21 4.34 -16.96 -18.25
CA SER C 21 5.22 -16.25 -19.17
C SER C 21 4.80 -14.80 -19.32
N LEU C 22 3.50 -14.56 -19.30
CA LEU C 22 2.98 -13.21 -19.23
C LEU C 22 3.51 -12.47 -18.00
N LEU C 23 3.61 -13.16 -16.86
CA LEU C 23 4.22 -12.52 -15.70
C LEU C 23 5.74 -12.44 -15.83
N GLU C 24 6.36 -13.26 -16.66
CA GLU C 24 7.76 -13.00 -16.94
C GLU C 24 7.92 -11.70 -17.74
N LYS C 25 6.89 -11.29 -18.50
CA LYS C 25 6.99 -10.08 -19.31
C LYS C 25 6.45 -8.81 -18.67
N VAL C 26 5.74 -8.89 -17.54
CA VAL C 26 5.23 -7.63 -17.02
C VAL C 26 6.22 -6.85 -16.17
N ARG C 27 7.37 -7.43 -15.79
CA ARG C 27 8.32 -6.69 -14.98
C ARG C 27 9.03 -5.57 -15.70
N GLU C 28 8.93 -5.49 -17.01
CA GLU C 28 9.66 -4.49 -17.77
C GLU C 28 8.71 -3.44 -18.35
N SER C 29 7.48 -3.39 -17.83
CA SER C 29 6.56 -2.29 -18.06
C SER C 29 5.88 -1.90 -16.77
N GLY C 30 5.33 -2.89 -16.08
CA GLY C 30 4.69 -2.58 -14.84
C GLY C 30 5.52 -3.03 -13.66
N LYS C 31 4.84 -3.50 -12.62
CA LYS C 31 5.52 -3.82 -11.38
C LYS C 31 4.79 -4.99 -10.75
N VAL C 32 5.56 -5.97 -10.27
CA VAL C 32 5.00 -7.15 -9.62
C VAL C 32 5.71 -7.37 -8.29
N LYS C 33 4.96 -7.88 -7.32
CA LYS C 33 5.48 -8.08 -5.97
C LYS C 33 5.60 -9.57 -5.71
N LYS C 34 6.76 -9.98 -5.19
CA LYS C 34 7.17 -11.38 -5.14
C LYS C 34 7.25 -11.87 -3.70
N GLY C 35 6.83 -13.10 -3.48
CA GLY C 35 6.78 -13.61 -2.13
C GLY C 35 5.46 -13.31 -1.47
N THR C 36 5.13 -14.12 -0.47
CA THR C 36 3.76 -14.14 0.01
C THR C 36 3.48 -13.01 0.98
N ASN C 37 4.50 -12.39 1.56
CA ASN C 37 4.17 -11.25 2.41
C ASN C 37 3.91 -10.00 1.58
N GLU C 38 4.72 -9.74 0.55
CA GLU C 38 4.42 -8.60 -0.30
C GLU C 38 3.15 -8.82 -1.11
N THR C 39 2.76 -10.07 -1.42
CA THR C 39 1.51 -10.22 -2.17
C THR C 39 0.31 -10.14 -1.24
N THR C 40 0.37 -10.76 -0.06
CA THR C 40 -0.72 -10.53 0.87
C THR C 40 -0.85 -9.04 1.10
N LYS C 41 0.30 -8.33 1.16
CA LYS C 41 0.24 -6.85 1.33
C LYS C 41 -0.17 -6.13 0.05
N ALA C 42 0.19 -6.65 -1.10
CA ALA C 42 -0.33 -6.09 -2.33
C ALA C 42 -1.86 -6.08 -2.28
N VAL C 43 -2.45 -7.17 -1.80
CA VAL C 43 -3.89 -7.30 -1.85
C VAL C 43 -4.63 -6.49 -0.79
N GLU C 44 -4.24 -6.51 0.49
CA GLU C 44 -5.07 -5.79 1.46
C GLU C 44 -4.90 -4.28 1.28
N ARG C 45 -3.68 -3.82 0.91
CA ARG C 45 -3.60 -2.42 0.49
C ARG C 45 -4.71 -2.12 -0.51
N GLY C 46 -5.08 -3.11 -1.32
CA GLY C 46 -6.13 -2.93 -2.29
C GLY C 46 -5.53 -2.52 -3.59
N LEU C 47 -4.42 -3.14 -3.97
CA LEU C 47 -3.81 -2.73 -5.22
C LEU C 47 -3.74 -3.82 -6.26
N ALA C 48 -3.72 -5.10 -5.84
CA ALA C 48 -3.50 -6.20 -6.77
C ALA C 48 -4.56 -6.23 -7.89
N LYS C 49 -4.12 -6.58 -9.11
CA LYS C 49 -5.04 -6.82 -10.21
C LYS C 49 -5.08 -8.27 -10.69
N LEU C 50 -4.25 -9.16 -10.14
CA LEU C 50 -4.26 -10.59 -10.42
C LEU C 50 -3.07 -11.21 -9.69
N VAL C 51 -3.29 -12.35 -9.03
CA VAL C 51 -2.35 -12.85 -8.06
C VAL C 51 -2.11 -14.33 -8.36
N TYR C 52 -0.88 -14.80 -8.16
CA TYR C 52 -0.52 -16.18 -8.41
C TYR C 52 -0.23 -16.92 -7.12
N ILE C 53 -0.73 -18.16 -7.05
CA ILE C 53 -0.55 -19.03 -5.90
C ILE C 53 0.06 -20.35 -6.39
N ALA C 54 1.14 -20.78 -5.76
CA ALA C 54 1.74 -22.07 -6.06
C ALA C 54 0.97 -23.17 -5.37
N GLU C 55 0.78 -24.28 -6.08
CA GLU C 55 0.06 -25.44 -5.55
C GLU C 55 0.87 -26.26 -4.53
N ASP C 56 2.20 -26.30 -4.64
CA ASP C 56 2.99 -27.25 -3.87
C ASP C 56 3.70 -26.60 -2.68
N VAL C 57 3.14 -25.54 -2.10
CA VAL C 57 3.77 -24.90 -0.93
C VAL C 57 3.37 -25.65 0.33
N ASP C 58 4.30 -25.73 1.26
CA ASP C 58 4.45 -27.06 1.80
C ASP C 58 3.92 -27.13 3.22
N PRO C 59 4.00 -26.06 3.98
CA PRO C 59 2.89 -25.76 4.89
C PRO C 59 1.80 -25.05 4.11
N PRO C 60 0.68 -25.73 3.82
CA PRO C 60 -0.41 -25.07 3.09
C PRO C 60 -0.80 -23.72 3.63
N GLU C 61 -0.60 -23.48 4.93
CA GLU C 61 -1.07 -22.27 5.58
C GLU C 61 -0.33 -21.02 5.11
N ILE C 62 0.82 -21.15 4.44
CA ILE C 62 1.53 -19.96 3.98
C ILE C 62 0.72 -19.22 2.93
N VAL C 63 -0.01 -19.95 2.10
CA VAL C 63 -0.84 -19.32 1.08
C VAL C 63 -2.32 -19.60 1.26
N ALA C 64 -2.68 -20.39 2.29
CA ALA C 64 -4.06 -20.83 2.42
C ALA C 64 -5.02 -19.68 2.63
N HIS C 65 -4.54 -18.54 3.12
CA HIS C 65 -5.39 -17.37 3.29
C HIS C 65 -5.50 -16.54 2.02
N LEU C 66 -4.65 -16.82 1.02
CA LEU C 66 -4.67 -16.01 -0.20
C LEU C 66 -5.94 -16.16 -1.02
N PRO C 67 -6.45 -17.38 -1.29
CA PRO C 67 -7.71 -17.46 -2.09
C PRO C 67 -8.85 -16.69 -1.44
N LEU C 68 -9.00 -16.84 -0.14
CA LEU C 68 -10.12 -16.21 0.52
C LEU C 68 -9.90 -14.73 0.76
N LEU C 69 -8.66 -14.27 0.85
CA LEU C 69 -8.51 -12.83 0.83
C LEU C 69 -8.25 -12.35 -0.58
N CYS C 70 -8.58 -13.11 -1.58
CA CYS C 70 -8.80 -12.53 -2.91
C CYS C 70 -10.30 -12.45 -3.22
N GLU C 71 -11.11 -13.42 -2.76
CA GLU C 71 -12.55 -13.38 -2.98
C GLU C 71 -13.23 -12.27 -2.21
N GLU C 72 -12.71 -11.88 -1.03
CA GLU C 72 -13.38 -10.87 -0.19
C GLU C 72 -13.40 -9.46 -0.82
N LYS C 73 -12.28 -8.99 -1.38
CA LYS C 73 -12.21 -7.74 -2.13
C LYS C 73 -11.90 -8.00 -3.62
N ASN C 74 -12.37 -9.15 -4.13
CA ASN C 74 -12.65 -9.37 -5.55
C ASN C 74 -11.40 -9.14 -6.44
N VAL C 75 -10.38 -9.88 -6.12
CA VAL C 75 -9.10 -9.87 -6.84
C VAL C 75 -9.02 -11.24 -7.62
N PRO C 76 -8.68 -11.33 -8.93
CA PRO C 76 -8.47 -12.60 -9.62
C PRO C 76 -7.21 -13.34 -9.12
N TYR C 77 -7.37 -14.66 -9.02
CA TYR C 77 -6.18 -15.46 -8.72
C TYR C 77 -6.14 -16.76 -9.50
N ILE C 78 -4.91 -17.23 -9.71
CA ILE C 78 -4.59 -18.37 -10.56
C ILE C 78 -3.63 -19.28 -9.81
N TYR C 79 -3.84 -20.59 -9.95
CA TYR C 79 -2.95 -21.56 -9.36
C TYR C 79 -1.93 -22.05 -10.38
N VAL C 80 -0.70 -22.31 -9.91
CA VAL C 80 0.34 -22.89 -10.73
C VAL C 80 1.03 -23.98 -9.91
N LYS C 81 1.50 -25.02 -10.62
CA LYS C 81 1.88 -26.27 -9.99
C LYS C 81 3.09 -26.08 -9.08
N SER C 82 4.25 -25.77 -9.65
CA SER C 82 5.48 -25.71 -8.87
C SER C 82 5.75 -24.27 -8.44
N LYS C 83 6.07 -24.08 -7.16
CA LYS C 83 6.54 -22.77 -6.75
C LYS C 83 7.86 -22.43 -7.44
N ASN C 84 8.61 -23.45 -7.88
CA ASN C 84 9.91 -23.19 -8.50
C ASN C 84 9.75 -22.46 -9.82
N ASP C 85 8.70 -22.81 -10.59
CA ASP C 85 8.48 -22.17 -11.88
C ASP C 85 7.92 -20.76 -11.70
N LEU C 86 7.13 -20.54 -10.65
CA LEU C 86 6.75 -19.18 -10.32
C LEU C 86 7.95 -18.35 -9.86
N GLY C 87 8.88 -18.97 -9.14
CA GLY C 87 10.15 -18.37 -8.75
C GLY C 87 10.96 -17.89 -9.94
N ARG C 88 11.31 -18.80 -10.86
CA ARG C 88 12.00 -18.35 -12.05
C ARG C 88 11.15 -17.43 -12.93
N ALA C 89 9.83 -17.52 -12.81
CA ALA C 89 8.97 -16.61 -13.60
C ALA C 89 9.12 -15.17 -13.12
N VAL C 90 9.01 -14.95 -11.80
CA VAL C 90 9.11 -13.58 -11.30
C VAL C 90 10.52 -13.02 -11.34
N GLY C 91 11.53 -13.86 -11.55
CA GLY C 91 12.89 -13.39 -11.73
C GLY C 91 13.82 -13.59 -10.57
N ILE C 92 13.33 -14.10 -9.45
CA ILE C 92 14.15 -14.35 -8.27
C ILE C 92 14.97 -15.65 -8.47
N GLU C 93 15.88 -15.97 -7.55
CA GLU C 93 16.73 -17.15 -7.68
C GLU C 93 16.40 -18.26 -6.69
N VAL C 94 15.29 -18.17 -5.98
CA VAL C 94 14.90 -19.19 -5.02
C VAL C 94 13.52 -19.66 -5.48
N PRO C 95 12.74 -20.37 -4.70
CA PRO C 95 11.33 -20.56 -5.10
C PRO C 95 10.44 -19.43 -4.58
N CYS C 96 9.23 -19.36 -5.16
CA CYS C 96 8.29 -18.30 -4.82
C CYS C 96 6.89 -18.89 -4.68
N ALA C 97 6.27 -18.63 -3.53
CA ALA C 97 4.99 -19.26 -3.20
C ALA C 97 3.80 -18.54 -3.83
N SER C 98 3.93 -17.25 -4.03
CA SER C 98 2.82 -16.45 -4.50
C SER C 98 3.35 -15.08 -4.95
N ALA C 99 2.82 -14.60 -6.06
CA ALA C 99 3.21 -13.29 -6.61
C ALA C 99 1.94 -12.50 -6.90
N ALA C 100 2.10 -11.25 -7.32
CA ALA C 100 0.92 -10.45 -7.65
C ALA C 100 1.35 -9.34 -8.58
N ILE C 101 0.71 -9.23 -9.79
CA ILE C 101 0.98 -8.05 -10.63
C ILE C 101 0.34 -6.85 -9.95
N ILE C 102 0.91 -5.66 -10.10
CA ILE C 102 0.36 -4.50 -9.41
C ILE C 102 0.26 -3.27 -10.29
N ASN C 103 0.75 -3.32 -11.52
CA ASN C 103 0.65 -2.18 -12.39
C ASN C 103 0.24 -2.66 -13.77
N GLU C 104 -0.72 -1.93 -14.33
CA GLU C 104 -1.23 -2.19 -15.67
C GLU C 104 -0.50 -1.27 -16.64
N GLY C 105 0.82 -1.48 -16.67
CA GLY C 105 1.71 -0.57 -17.39
C GLY C 105 1.33 -0.40 -18.83
N GLU C 106 1.02 -1.49 -19.52
CA GLU C 106 0.70 -1.38 -20.93
C GLU C 106 0.07 -2.67 -21.47
N LEU C 107 0.05 -3.76 -20.68
CA LEU C 107 -0.50 -4.98 -21.25
C LEU C 107 -1.86 -5.22 -20.59
N ARG C 108 -2.81 -4.32 -20.61
CA ARG C 108 -3.97 -4.63 -19.77
C ARG C 108 -4.97 -5.54 -20.44
N LYS C 109 -5.11 -5.44 -21.77
CA LYS C 109 -6.04 -6.26 -22.53
C LYS C 109 -5.67 -7.73 -22.42
N GLU C 110 -4.39 -8.05 -22.63
CA GLU C 110 -3.93 -9.43 -22.57
C GLU C 110 -4.11 -10.07 -21.19
N LEU C 111 -4.09 -9.31 -20.08
CA LEU C 111 -4.45 -9.98 -18.82
C LEU C 111 -5.94 -9.93 -18.55
N GLY C 112 -6.64 -8.90 -19.03
CA GLY C 112 -8.08 -8.89 -18.85
C GLY C 112 -8.75 -10.04 -19.57
N SER C 113 -8.24 -10.39 -20.74
CA SER C 113 -8.61 -11.66 -21.38
C SER C 113 -8.38 -12.82 -20.45
N LEU C 114 -7.16 -12.91 -19.91
CA LEU C 114 -6.78 -14.06 -19.09
C LEU C 114 -7.66 -14.24 -17.87
N VAL C 115 -7.96 -13.13 -17.17
CA VAL C 115 -8.95 -13.17 -16.11
C VAL C 115 -10.29 -13.65 -16.65
N GLU C 116 -10.75 -13.07 -17.75
CA GLU C 116 -11.98 -13.50 -18.37
C GLU C 116 -11.87 -14.92 -18.91
N LYS C 117 -10.76 -15.61 -18.69
CA LYS C 117 -10.74 -17.06 -18.78
C LYS C 117 -10.79 -17.73 -17.41
N ILE C 118 -10.14 -17.14 -16.39
CA ILE C 118 -10.37 -17.59 -14.99
C ILE C 118 -11.85 -17.70 -14.64
N LYS C 119 -12.71 -16.73 -15.00
CA LYS C 119 -14.11 -16.90 -14.58
C LYS C 119 -14.80 -18.21 -14.97
N GLY C 120 -14.46 -18.80 -16.12
CA GLY C 120 -15.32 -19.87 -16.62
C GLY C 120 -14.99 -21.25 -16.05
N LEU C 121 -14.88 -21.32 -14.73
CA LEU C 121 -14.64 -22.56 -14.02
C LEU C 121 -15.39 -22.56 -12.68
N THR E 6 -57.82 -2.88 16.24
CA THR E 6 -58.24 -2.43 14.91
C THR E 6 -58.74 -3.65 14.15
N ARG E 7 -59.62 -3.41 13.18
CA ARG E 7 -59.93 -4.39 12.15
C ARG E 7 -58.65 -4.94 11.54
N PRO E 8 -58.60 -6.23 11.22
CA PRO E 8 -57.40 -6.75 10.57
C PRO E 8 -57.21 -6.14 9.19
N ASN E 9 -55.98 -6.26 8.67
CA ASN E 9 -55.57 -5.58 7.45
C ASN E 9 -54.34 -6.29 6.89
N HIS E 10 -54.20 -6.26 5.58
CA HIS E 10 -53.01 -6.86 4.96
C HIS E 10 -51.70 -6.27 5.52
N THR E 11 -51.70 -4.96 5.80
CA THR E 11 -50.45 -4.34 6.22
C THR E 11 -50.49 -4.07 7.73
N ILE E 12 -49.38 -4.38 8.39
CA ILE E 12 -49.18 -4.06 9.78
C ILE E 12 -48.36 -2.80 9.80
N TYR E 13 -48.61 -1.98 10.82
CA TYR E 13 -47.95 -0.70 11.07
C TYR E 13 -47.15 -0.91 12.34
N ILE E 14 -45.82 -0.80 12.24
CA ILE E 14 -44.92 -1.00 13.37
C ILE E 14 -44.31 0.33 13.82
N ASN E 15 -44.22 0.51 15.13
CA ASN E 15 -43.48 1.65 15.65
C ASN E 15 -42.82 1.26 16.95
N ASN E 16 -42.18 2.26 17.58
CA ASN E 16 -41.10 2.01 18.54
C ASN E 16 -39.93 1.28 17.86
N LEU E 17 -39.65 1.61 16.60
CA LEU E 17 -38.42 1.09 16.00
C LEU E 17 -37.23 2.00 16.30
N ASN E 18 -36.07 1.38 16.37
CA ASN E 18 -34.86 2.10 16.71
C ASN E 18 -34.49 3.03 15.53
N GLU E 19 -34.52 4.35 15.78
CA GLU E 19 -34.44 5.35 14.73
C GLU E 19 -33.03 5.56 14.18
N LYS E 20 -32.05 4.95 14.81
CA LYS E 20 -30.64 4.97 14.45
C LYS E 20 -30.20 4.06 13.29
N ILE E 21 -31.07 3.23 12.74
CA ILE E 21 -30.66 2.29 11.70
C ILE E 21 -31.16 2.83 10.38
N LYS E 22 -30.29 2.83 9.37
CA LYS E 22 -30.68 3.38 8.08
C LYS E 22 -31.64 2.45 7.35
N LYS E 23 -32.45 3.08 6.48
CA LYS E 23 -33.60 2.50 5.79
C LYS E 23 -33.35 1.11 5.23
N ASP E 24 -32.27 0.91 4.47
CA ASP E 24 -32.21 -0.37 3.76
C ASP E 24 -31.87 -1.52 4.71
N GLU E 25 -30.94 -1.31 5.64
CA GLU E 25 -30.70 -2.34 6.64
C GLU E 25 -31.97 -2.65 7.38
N LEU E 26 -32.77 -1.64 7.63
CA LEU E 26 -33.95 -1.87 8.46
C LEU E 26 -35.04 -2.63 7.67
N LYS E 27 -35.19 -2.34 6.38
CA LYS E 27 -36.07 -3.16 5.53
C LYS E 27 -35.61 -4.60 5.54
N LYS E 28 -34.33 -4.85 5.28
CA LYS E 28 -33.93 -6.25 5.17
C LYS E 28 -34.00 -6.97 6.51
N SER E 29 -33.78 -6.27 7.64
CA SER E 29 -33.96 -6.93 8.94
C SER E 29 -35.40 -7.24 9.23
N LEU E 30 -36.32 -6.38 8.78
CA LEU E 30 -37.71 -6.72 9.02
C LEU E 30 -38.21 -7.79 8.09
N HIS E 31 -37.69 -7.86 6.85
CA HIS E 31 -37.97 -9.06 6.08
C HIS E 31 -37.45 -10.28 6.79
N ALA E 32 -36.25 -10.19 7.37
CA ALA E 32 -35.68 -11.35 8.03
C ALA E 32 -36.59 -11.84 9.12
N ILE E 33 -37.19 -10.95 9.90
CA ILE E 33 -38.02 -11.53 10.94
C ILE E 33 -39.49 -11.70 10.58
N PHE E 34 -39.94 -11.28 9.39
CA PHE E 34 -41.34 -11.41 9.06
C PHE E 34 -41.66 -12.34 7.89
N SER E 35 -40.70 -12.65 7.02
CA SER E 35 -40.93 -13.60 5.93
C SER E 35 -41.54 -14.90 6.39
N ARG E 36 -41.29 -15.29 7.65
CA ARG E 36 -41.88 -16.48 8.23
C ARG E 36 -43.39 -16.60 8.01
N PHE E 37 -44.13 -15.49 8.11
CA PHE E 37 -45.57 -15.61 8.10
C PHE E 37 -46.23 -15.61 6.72
N GLY E 38 -45.48 -15.41 5.64
CA GLY E 38 -46.01 -15.59 4.30
C GLY E 38 -45.51 -14.51 3.38
N GLN E 39 -45.96 -14.50 2.14
CA GLN E 39 -45.39 -13.61 1.14
C GLN E 39 -45.61 -12.16 1.53
N ILE E 40 -44.55 -11.36 1.39
CA ILE E 40 -44.52 -9.95 1.71
C ILE E 40 -44.52 -9.19 0.39
N LEU E 41 -45.50 -8.33 0.17
CA LEU E 41 -45.44 -7.63 -1.11
C LEU E 41 -44.47 -6.49 -1.06
N ASP E 42 -44.33 -5.89 0.11
CA ASP E 42 -43.50 -4.70 0.20
C ASP E 42 -43.30 -4.37 1.67
N ILE E 43 -42.19 -3.69 1.95
CA ILE E 43 -41.88 -3.12 3.25
C ILE E 43 -41.45 -1.67 3.05
N LEU E 44 -42.16 -0.74 3.66
CA LEU E 44 -41.94 0.69 3.47
C LEU E 44 -41.44 1.32 4.76
N VAL E 45 -40.24 1.88 4.71
CA VAL E 45 -39.73 2.65 5.84
C VAL E 45 -39.21 3.98 5.33
N SER E 46 -39.27 4.97 6.18
CA SER E 46 -38.75 6.29 5.89
C SER E 46 -38.24 6.86 7.20
N ARG E 47 -37.32 7.81 7.10
CA ARG E 47 -36.81 8.46 8.29
C ARG E 47 -37.00 9.95 8.20
N SER E 48 -38.06 10.32 7.48
CA SER E 48 -38.68 11.63 7.56
C SER E 48 -38.87 12.03 9.02
N LEU E 49 -38.85 13.33 9.27
CA LEU E 49 -39.16 13.81 10.62
C LEU E 49 -40.45 13.17 11.13
N LYS E 50 -41.45 13.07 10.27
CA LYS E 50 -42.77 12.57 10.65
C LYS E 50 -42.88 11.06 10.56
N MET E 51 -41.86 10.35 10.05
CA MET E 51 -42.04 8.91 9.93
C MET E 51 -40.84 8.06 10.39
N ARG E 52 -39.92 8.65 11.17
CA ARG E 52 -38.92 7.88 11.89
C ARG E 52 -39.56 6.81 12.74
N GLY E 53 -38.81 5.73 12.94
CA GLY E 53 -39.18 4.67 13.87
C GLY E 53 -40.44 3.89 13.50
N GLN E 54 -40.99 4.08 12.33
CA GLN E 54 -42.15 3.30 11.93
C GLN E 54 -41.89 2.66 10.58
N ALA E 55 -42.59 1.56 10.35
CA ALA E 55 -42.54 0.84 9.10
C ALA E 55 -43.91 0.27 8.77
N PHE E 56 -44.20 0.14 7.48
CA PHE E 56 -45.37 -0.58 7.03
C PHE E 56 -44.92 -1.90 6.38
N VAL E 57 -45.38 -3.03 6.90
CA VAL E 57 -45.08 -4.33 6.30
C VAL E 57 -46.35 -4.87 5.70
N ILE E 58 -46.34 -5.02 4.37
CA ILE E 58 -47.53 -5.31 3.57
C ILE E 58 -47.53 -6.79 3.22
N PHE E 59 -48.31 -7.58 3.96
CA PHE E 59 -48.47 -8.99 3.68
C PHE E 59 -49.40 -9.25 2.49
N LYS E 60 -49.30 -10.44 1.90
CA LYS E 60 -50.20 -10.64 0.79
C LYS E 60 -51.53 -11.24 1.26
N GLU E 61 -51.53 -11.92 2.39
CA GLU E 61 -52.78 -12.43 2.93
C GLU E 61 -52.93 -12.03 4.39
N VAL E 62 -54.15 -11.66 4.75
CA VAL E 62 -54.36 -11.03 6.04
C VAL E 62 -54.06 -11.99 7.16
N SER E 63 -54.21 -13.30 6.92
CA SER E 63 -53.79 -14.23 7.97
C SER E 63 -52.30 -14.07 8.26
N SER E 64 -51.48 -13.81 7.23
CA SER E 64 -50.09 -13.53 7.54
C SER E 64 -49.93 -12.29 8.41
N ALA E 65 -50.66 -11.22 8.09
CA ALA E 65 -50.63 -10.03 8.95
C ALA E 65 -50.95 -10.39 10.39
N THR E 66 -52.04 -11.12 10.63
CA THR E 66 -52.43 -11.25 12.03
C THR E 66 -51.59 -12.30 12.77
N ASN E 67 -51.11 -13.32 12.08
CA ASN E 67 -50.17 -14.22 12.74
C ASN E 67 -48.88 -13.48 13.08
N ALA E 68 -48.46 -12.55 12.19
CA ALA E 68 -47.30 -11.72 12.46
C ALA E 68 -47.49 -10.86 13.70
N LEU E 69 -48.58 -10.10 13.73
CA LEU E 69 -48.81 -9.19 14.82
C LEU E 69 -49.00 -9.94 16.14
N ARG E 70 -49.58 -11.14 16.11
CA ARG E 70 -49.63 -11.88 17.36
C ARG E 70 -48.28 -12.47 17.79
N SER E 71 -47.44 -12.90 16.84
CA SER E 71 -46.18 -13.53 17.25
C SER E 71 -45.11 -12.51 17.63
N MET E 72 -44.98 -11.44 16.86
CA MET E 72 -43.92 -10.47 17.01
C MET E 72 -44.31 -9.27 17.87
N GLN E 73 -45.42 -9.34 18.57
CA GLN E 73 -45.82 -8.22 19.39
C GLN E 73 -44.79 -8.01 20.48
N GLY E 74 -44.25 -6.80 20.56
CA GLY E 74 -43.29 -6.53 21.61
C GLY E 74 -41.95 -7.19 21.43
N PHE E 75 -41.63 -7.69 20.24
CA PHE E 75 -40.35 -8.37 20.04
C PHE E 75 -39.21 -7.37 20.15
N PRO E 76 -38.18 -7.64 20.97
CA PRO E 76 -37.05 -6.69 21.03
C PRO E 76 -36.20 -6.64 19.75
N PHE E 77 -36.62 -5.81 18.79
CA PHE E 77 -35.90 -5.64 17.52
C PHE E 77 -34.90 -4.52 17.70
N TYR E 78 -33.62 -4.82 17.53
CA TYR E 78 -32.52 -3.89 17.80
C TYR E 78 -32.64 -3.34 19.21
N ASP E 79 -32.90 -4.26 20.15
CA ASP E 79 -32.99 -3.91 21.57
C ASP E 79 -34.06 -2.85 21.82
N LYS E 80 -35.18 -2.96 21.11
CA LYS E 80 -36.32 -2.07 21.32
C LYS E 80 -37.61 -2.81 20.97
N PRO E 81 -38.53 -2.96 21.94
CA PRO E 81 -39.80 -3.71 21.70
C PRO E 81 -40.71 -3.05 20.69
N MET E 82 -40.92 -3.72 19.55
CA MET E 82 -41.85 -3.21 18.55
C MET E 82 -43.26 -3.21 19.08
N ARG E 83 -44.01 -2.13 18.81
CA ARG E 83 -45.47 -2.18 18.90
C ARG E 83 -45.98 -2.37 17.49
N ILE E 84 -46.80 -3.41 17.30
CA ILE E 84 -47.43 -3.70 16.03
C ILE E 84 -48.93 -3.46 16.16
N GLN E 85 -49.51 -2.74 15.18
CA GLN E 85 -50.94 -2.63 14.98
C GLN E 85 -51.24 -2.90 13.53
N TYR E 86 -52.52 -2.89 13.17
CA TYR E 86 -52.86 -2.94 11.76
C TYR E 86 -52.94 -1.52 11.22
N ALA E 87 -52.63 -1.36 9.94
CA ALA E 87 -52.72 -0.03 9.36
C ALA E 87 -54.18 0.37 9.29
N LYS E 88 -54.42 1.69 9.40
CA LYS E 88 -55.80 2.16 9.44
C LYS E 88 -56.44 2.09 8.07
N THR E 89 -55.63 2.21 7.01
CA THR E 89 -56.11 2.13 5.63
C THR E 89 -55.27 1.13 4.83
N ASP E 90 -55.88 0.58 3.79
CA ASP E 90 -55.16 -0.35 2.94
C ASP E 90 -53.97 0.33 2.28
N SER E 91 -52.89 -0.42 2.09
CA SER E 91 -51.82 0.13 1.27
C SER E 91 -52.25 0.13 -0.19
N ASP E 92 -51.69 1.07 -0.95
CA ASP E 92 -52.12 1.26 -2.34
C ASP E 92 -52.12 -0.05 -3.11
N ILE E 93 -51.05 -0.84 -2.96
CA ILE E 93 -50.99 -2.08 -3.72
C ILE E 93 -52.11 -3.00 -3.31
N ILE E 94 -52.43 -3.08 -2.01
CA ILE E 94 -53.58 -3.88 -1.61
C ILE E 94 -54.84 -3.35 -2.26
N ALA E 95 -55.06 -2.03 -2.13
CA ALA E 95 -56.20 -1.40 -2.79
C ALA E 95 -56.31 -1.83 -4.24
N LYS E 96 -55.19 -1.83 -4.99
CA LYS E 96 -55.25 -2.22 -6.40
C LYS E 96 -55.64 -3.67 -6.55
N MET E 97 -55.18 -4.53 -5.61
CA MET E 97 -55.58 -5.93 -5.68
C MET E 97 -57.05 -6.09 -5.50
N LYS E 98 -57.69 -5.15 -4.84
CA LYS E 98 -59.14 -5.18 -4.73
C LYS E 98 -59.80 -4.09 -5.55
N GLY E 99 -59.10 -2.98 -5.77
CA GLY E 99 -59.40 -1.92 -6.73
C GLY E 99 -60.77 -1.34 -6.74
N THR E 100 -61.27 -0.66 -5.70
CA THR E 100 -60.69 -0.06 -4.48
C THR E 100 -59.64 1.03 -4.70
N PHE E 101 -58.59 0.81 -5.47
CA PHE E 101 -57.66 1.90 -5.72
C PHE E 101 -58.28 2.89 -6.68
N VAL E 102 -58.17 4.18 -6.34
CA VAL E 102 -58.77 5.24 -7.13
C VAL E 102 -57.79 6.39 -7.38
N THR F 6 -23.75 -30.59 24.67
CA THR F 6 -22.80 -29.46 24.72
C THR F 6 -22.96 -28.68 26.04
N ARG F 7 -21.87 -28.18 26.61
CA ARG F 7 -22.22 -27.42 27.79
C ARG F 7 -21.75 -25.98 27.65
N PRO F 8 -22.26 -25.05 28.47
CA PRO F 8 -22.38 -23.64 28.03
C PRO F 8 -21.06 -22.93 27.74
N ASN F 9 -21.21 -21.82 27.02
CA ASN F 9 -20.14 -21.06 26.37
C ASN F 9 -20.72 -19.71 25.97
N HIS F 10 -19.89 -18.66 25.98
CA HIS F 10 -20.34 -17.30 25.70
C HIS F 10 -20.68 -17.07 24.25
N THR F 11 -20.51 -18.04 23.38
CA THR F 11 -20.81 -17.79 21.99
C THR F 11 -21.73 -18.90 21.53
N ILE F 12 -22.74 -18.53 20.77
CA ILE F 12 -23.71 -19.49 20.29
C ILE F 12 -23.39 -19.79 18.85
N TYR F 13 -23.59 -21.05 18.46
CA TYR F 13 -23.30 -21.52 17.11
C TYR F 13 -24.62 -21.94 16.47
N ILE F 14 -24.92 -21.34 15.32
CA ILE F 14 -26.21 -21.45 14.67
C ILE F 14 -26.01 -22.14 13.33
N ASN F 15 -26.73 -23.23 13.11
CA ASN F 15 -26.78 -23.67 11.74
C ASN F 15 -28.23 -23.89 11.36
N ASN F 16 -28.40 -24.26 10.09
CA ASN F 16 -29.65 -24.18 9.35
C ASN F 16 -30.01 -22.71 9.18
N LEU F 17 -29.16 -21.94 8.52
CA LEU F 17 -29.53 -20.59 8.08
C LEU F 17 -29.70 -20.54 6.57
N ASN F 18 -30.35 -19.48 6.13
CA ASN F 18 -30.78 -19.45 4.74
C ASN F 18 -29.54 -19.26 3.86
N GLU F 19 -29.30 -20.19 2.97
CA GLU F 19 -28.05 -20.15 2.23
C GLU F 19 -28.08 -19.17 1.06
N LYS F 20 -29.19 -18.49 0.81
CA LYS F 20 -29.28 -17.51 -0.27
C LYS F 20 -29.18 -16.06 0.19
N ILE F 21 -28.89 -15.82 1.46
CA ILE F 21 -28.70 -14.46 1.96
C ILE F 21 -27.26 -14.01 1.81
N LYS F 22 -27.08 -12.81 1.27
CA LYS F 22 -25.76 -12.22 1.25
C LYS F 22 -25.26 -11.98 2.68
N LYS F 23 -23.97 -12.27 2.89
CA LYS F 23 -23.49 -12.48 4.27
C LYS F 23 -23.42 -11.18 5.05
N ASP F 24 -23.20 -10.05 4.39
CA ASP F 24 -23.30 -8.79 5.12
C ASP F 24 -24.69 -8.64 5.71
N GLU F 25 -25.71 -8.75 4.88
CA GLU F 25 -27.09 -8.71 5.37
C GLU F 25 -27.32 -9.77 6.43
N LEU F 26 -26.75 -10.96 6.28
CA LEU F 26 -27.01 -11.97 7.30
C LEU F 26 -26.46 -11.50 8.65
N LYS F 27 -25.21 -11.02 8.66
CA LYS F 27 -24.60 -10.49 9.89
C LYS F 27 -25.47 -9.42 10.54
N LYS F 28 -25.85 -8.40 9.76
CA LYS F 28 -26.65 -7.32 10.33
C LYS F 28 -28.00 -7.83 10.84
N SER F 29 -28.56 -8.84 10.18
CA SER F 29 -29.89 -9.29 10.59
C SER F 29 -29.80 -10.12 11.87
N LEU F 30 -28.70 -10.84 12.04
CA LEU F 30 -28.49 -11.51 13.32
C LEU F 30 -28.27 -10.50 14.42
N HIS F 31 -27.46 -9.47 14.17
CA HIS F 31 -27.34 -8.46 15.19
C HIS F 31 -28.72 -7.96 15.56
N ALA F 32 -29.58 -7.77 14.58
CA ALA F 32 -30.88 -7.17 14.88
C ALA F 32 -31.65 -8.05 15.85
N ILE F 33 -31.67 -9.37 15.58
CA ILE F 33 -32.51 -10.21 16.42
C ILE F 33 -31.80 -10.71 17.66
N PHE F 34 -30.50 -10.41 17.84
CA PHE F 34 -29.71 -10.95 18.94
C PHE F 34 -29.12 -9.92 19.89
N SER F 35 -29.13 -8.65 19.54
CA SER F 35 -28.43 -7.71 20.37
C SER F 35 -29.17 -7.36 21.67
N ARG F 36 -30.39 -7.83 21.91
CA ARG F 36 -30.99 -7.52 23.21
C ARG F 36 -30.57 -8.49 24.31
N PHE F 37 -29.85 -9.55 23.95
CA PHE F 37 -29.30 -10.47 24.93
C PHE F 37 -28.06 -9.98 25.66
N GLY F 38 -27.40 -8.94 25.18
CA GLY F 38 -26.12 -8.54 25.73
C GLY F 38 -25.20 -8.00 24.66
N GLN F 39 -24.00 -7.62 25.10
N GLN F 39 -24.00 -7.62 25.10
CA GLN F 39 -23.00 -7.06 24.19
CA GLN F 39 -23.00 -7.06 24.19
C GLN F 39 -22.52 -8.14 23.22
C GLN F 39 -22.51 -8.13 23.23
N ILE F 40 -22.48 -7.81 21.93
CA ILE F 40 -22.01 -8.73 20.91
C ILE F 40 -20.63 -8.26 20.48
N LEU F 41 -19.64 -9.14 20.56
CA LEU F 41 -18.34 -8.64 20.16
C LEU F 41 -18.06 -8.92 18.69
N ASP F 42 -18.98 -9.57 18.00
CA ASP F 42 -18.79 -10.01 16.63
C ASP F 42 -19.86 -11.02 16.25
N ILE F 43 -20.53 -10.76 15.17
CA ILE F 43 -21.11 -11.89 14.47
C ILE F 43 -20.12 -12.35 13.40
N LEU F 44 -20.14 -13.66 13.11
CA LEU F 44 -19.65 -14.03 11.80
C LEU F 44 -20.20 -15.36 11.31
N VAL F 45 -20.19 -15.46 9.97
CA VAL F 45 -21.04 -16.34 9.19
C VAL F 45 -20.14 -17.03 8.21
N SER F 46 -20.57 -18.24 7.84
CA SER F 46 -19.79 -19.19 7.05
C SER F 46 -19.41 -18.64 5.69
N ARG F 47 -18.33 -19.21 5.15
CA ARG F 47 -17.97 -19.07 3.75
C ARG F 47 -17.83 -20.47 3.12
N SER F 48 -18.45 -20.64 1.96
CA SER F 48 -19.11 -19.53 1.27
C SER F 48 -20.63 -19.58 1.29
N LEU F 49 -21.21 -19.67 0.09
CA LEU F 49 -22.64 -19.57 -0.16
C LEU F 49 -23.30 -20.93 -0.38
N LYS F 50 -22.62 -21.84 -1.10
CA LYS F 50 -23.05 -23.23 -1.19
C LYS F 50 -22.91 -23.97 0.13
N MET F 51 -21.99 -23.53 0.99
CA MET F 51 -21.72 -24.22 2.24
C MET F 51 -22.96 -24.19 3.13
N ARG F 52 -22.88 -24.92 4.24
CA ARG F 52 -23.93 -24.90 5.25
C ARG F 52 -24.22 -23.46 5.68
N GLY F 53 -25.46 -23.24 6.06
CA GLY F 53 -25.83 -21.98 6.68
C GLY F 53 -25.48 -21.99 8.15
N GLN F 54 -24.32 -21.42 8.48
CA GLN F 54 -23.83 -21.43 9.84
C GLN F 54 -23.22 -20.09 10.23
N ALA F 55 -23.22 -19.81 11.53
CA ALA F 55 -22.62 -18.58 12.06
C ALA F 55 -22.39 -18.74 13.56
N PHE F 56 -21.26 -18.20 14.06
CA PHE F 56 -21.11 -17.96 15.48
C PHE F 56 -21.51 -16.52 15.81
N VAL F 57 -22.46 -16.35 16.73
CA VAL F 57 -22.66 -15.09 17.42
C VAL F 57 -21.83 -15.16 18.70
N ILE F 58 -20.77 -14.37 18.85
CA ILE F 58 -20.00 -14.43 20.11
C ILE F 58 -20.52 -13.34 21.05
N PHE F 59 -20.85 -13.69 22.29
CA PHE F 59 -21.26 -12.68 23.25
C PHE F 59 -20.10 -12.42 24.18
N LYS F 60 -20.27 -11.52 25.15
CA LYS F 60 -19.21 -11.43 26.14
C LYS F 60 -19.55 -12.24 27.38
N GLU F 61 -20.42 -11.66 28.23
CA GLU F 61 -21.21 -12.44 29.18
C GLU F 61 -21.79 -13.72 28.53
N VAL F 62 -21.67 -14.85 29.25
CA VAL F 62 -22.21 -16.12 28.75
C VAL F 62 -23.69 -16.23 29.07
N SER F 63 -24.16 -15.59 30.15
CA SER F 63 -25.61 -15.55 30.40
C SER F 63 -26.33 -14.97 29.21
N SER F 64 -25.76 -13.91 28.62
CA SER F 64 -26.20 -13.48 27.30
C SER F 64 -26.40 -14.67 26.39
N ALA F 65 -25.40 -15.54 26.28
CA ALA F 65 -25.44 -16.59 25.27
C ALA F 65 -26.46 -17.68 25.62
N THR F 66 -26.57 -18.04 26.90
CA THR F 66 -27.54 -19.04 27.32
C THR F 66 -28.95 -18.52 27.12
N ASN F 67 -29.21 -17.32 27.64
CA ASN F 67 -30.51 -16.70 27.41
C ASN F 67 -30.80 -16.68 25.90
N ALA F 68 -29.78 -16.35 25.11
CA ALA F 68 -29.90 -16.36 23.65
C ALA F 68 -30.41 -17.69 23.15
N LEU F 69 -29.72 -18.76 23.54
CA LEU F 69 -30.02 -20.08 23.03
C LEU F 69 -31.43 -20.49 23.41
N ARG F 70 -31.81 -20.23 24.65
CA ARG F 70 -33.12 -20.67 25.09
C ARG F 70 -34.25 -19.84 24.47
N SER F 71 -34.04 -18.54 24.22
CA SER F 71 -35.11 -17.74 23.66
C SER F 71 -35.31 -18.01 22.18
N MET F 72 -34.26 -17.79 21.37
CA MET F 72 -34.49 -17.83 19.94
C MET F 72 -34.41 -19.20 19.35
N GLN F 73 -34.26 -20.25 20.14
CA GLN F 73 -34.10 -21.54 19.48
C GLN F 73 -35.37 -21.83 18.70
N GLY F 74 -35.19 -22.23 17.47
CA GLY F 74 -36.30 -22.58 16.64
C GLY F 74 -36.94 -21.39 15.97
N PHE F 75 -36.52 -20.17 16.32
CA PHE F 75 -37.05 -18.96 15.68
C PHE F 75 -36.75 -19.04 14.19
N PRO F 76 -37.76 -18.87 13.34
CA PRO F 76 -37.54 -18.92 11.89
C PRO F 76 -36.95 -17.66 11.31
N PHE F 77 -35.67 -17.47 11.58
CA PHE F 77 -34.87 -16.51 10.84
C PHE F 77 -35.01 -16.82 9.35
N TYR F 78 -35.32 -15.78 8.56
CA TYR F 78 -35.58 -15.92 7.13
C TYR F 78 -36.45 -17.14 6.82
N ASP F 79 -37.57 -17.25 7.50
CA ASP F 79 -38.52 -18.33 7.25
C ASP F 79 -37.84 -19.70 7.38
N LYS F 80 -36.83 -19.79 8.26
CA LYS F 80 -36.40 -21.16 8.57
C LYS F 80 -35.83 -21.30 9.97
N PRO F 81 -36.35 -22.28 10.73
CA PRO F 81 -35.98 -22.52 12.13
C PRO F 81 -34.49 -22.65 12.44
N MET F 82 -33.97 -21.71 13.23
CA MET F 82 -32.57 -21.77 13.62
C MET F 82 -32.32 -22.97 14.54
N ARG F 83 -31.24 -23.71 14.26
N ARG F 83 -31.24 -23.70 14.27
CA ARG F 83 -30.77 -24.77 15.15
CA ARG F 83 -30.77 -24.76 15.14
C ARG F 83 -29.59 -24.21 15.92
C ARG F 83 -29.59 -24.20 15.92
N ILE F 84 -29.76 -24.04 17.23
CA ILE F 84 -28.81 -23.28 18.05
C ILE F 84 -28.21 -24.19 19.10
N GLN F 85 -26.88 -24.10 19.26
CA GLN F 85 -26.14 -24.83 20.28
C GLN F 85 -25.08 -23.89 20.83
N TYR F 86 -24.53 -24.25 22.01
CA TYR F 86 -23.37 -23.52 22.47
C TYR F 86 -22.17 -23.85 21.59
N ALA F 87 -21.20 -22.95 21.57
CA ALA F 87 -20.13 -22.95 20.59
C ALA F 87 -19.33 -24.25 20.48
N LYS F 88 -18.85 -24.80 21.60
CA LYS F 88 -18.08 -26.08 21.75
C LYS F 88 -16.80 -26.27 20.91
N THR F 89 -15.62 -26.38 21.52
CA THR F 89 -15.19 -25.76 22.77
C THR F 89 -14.25 -24.66 22.28
N ASP F 90 -14.80 -23.48 22.02
CA ASP F 90 -14.17 -22.46 21.16
C ASP F 90 -13.81 -23.11 19.82
N SER F 91 -14.86 -23.32 19.02
CA SER F 91 -14.69 -23.54 17.60
C SER F 91 -14.62 -22.22 16.84
N ASP F 92 -14.92 -21.12 17.54
CA ASP F 92 -15.12 -19.80 16.94
C ASP F 92 -13.81 -19.15 16.50
N ILE F 93 -12.81 -19.07 17.38
CA ILE F 93 -11.59 -18.33 17.03
C ILE F 93 -10.76 -19.11 16.02
N ILE F 94 -10.68 -20.43 16.18
CA ILE F 94 -10.10 -21.28 15.14
C ILE F 94 -10.92 -21.22 13.87
N ALA F 95 -12.24 -21.09 13.98
CA ALA F 95 -13.01 -20.86 12.78
C ALA F 95 -12.58 -19.56 12.10
N LYS F 96 -12.28 -18.49 12.86
CA LYS F 96 -11.92 -17.25 12.14
C LYS F 96 -10.56 -17.39 11.47
N MET F 97 -9.63 -18.04 12.17
CA MET F 97 -8.35 -18.29 11.57
C MET F 97 -8.54 -19.23 10.39
N LYS F 98 -7.87 -18.92 9.28
CA LYS F 98 -7.97 -19.58 7.98
C LYS F 98 -9.12 -19.08 7.13
N GLY F 99 -9.38 -19.79 6.02
CA GLY F 99 -10.41 -19.48 5.05
C GLY F 99 -11.71 -20.27 5.24
N THR F 100 -11.98 -20.75 6.46
CA THR F 100 -13.32 -21.18 6.84
C THR F 100 -13.96 -20.17 7.78
N PHE F 101 -15.03 -19.53 7.36
CA PHE F 101 -15.56 -18.44 8.19
C PHE F 101 -16.31 -18.91 9.44
N VAL F 102 -17.20 -19.90 9.36
CA VAL F 102 -17.68 -20.60 10.57
C VAL F 102 -17.72 -22.10 10.20
N ALA G 4 4.25 31.28 -2.02
CA ALA G 4 4.57 31.53 -0.61
C ALA G 4 4.31 30.29 0.30
N SER G 5 5.37 29.73 0.88
CA SER G 5 6.69 30.23 0.64
C SER G 5 7.62 29.00 0.66
N TYR G 6 7.06 27.89 1.15
CA TYR G 6 7.60 26.55 0.96
C TYR G 6 7.34 25.99 -0.44
N VAL G 7 6.61 26.72 -1.29
CA VAL G 7 6.42 26.30 -2.68
C VAL G 7 7.78 26.46 -3.36
N LYS G 8 8.33 25.36 -3.87
CA LYS G 8 9.70 25.43 -4.34
C LYS G 8 9.77 25.99 -5.76
N PHE G 9 8.82 25.60 -6.61
CA PHE G 9 8.79 26.15 -7.96
C PHE G 9 7.33 26.22 -8.41
N GLU G 10 6.84 27.45 -8.50
CA GLU G 10 5.44 27.77 -8.75
C GLU G 10 5.05 27.45 -10.19
N VAL G 11 3.74 27.38 -10.39
CA VAL G 11 3.06 26.73 -11.53
C VAL G 11 1.83 27.59 -11.79
N PRO G 12 1.43 27.83 -13.04
CA PRO G 12 0.39 28.82 -13.32
C PRO G 12 -0.98 28.17 -13.38
N GLU G 13 -2.00 29.01 -13.52
CA GLU G 13 -3.27 28.62 -12.86
C GLU G 13 -4.15 27.68 -13.68
N ASP G 14 -4.29 27.85 -14.99
CA ASP G 14 -5.44 27.11 -15.53
C ASP G 14 -5.08 25.71 -16.03
N MET G 15 -3.81 25.39 -16.18
CA MET G 15 -3.61 23.97 -16.40
C MET G 15 -3.51 23.26 -15.05
N GLN G 16 -3.22 24.00 -13.97
CA GLN G 16 -3.47 23.47 -12.64
C GLN G 16 -4.94 23.14 -12.43
N ASN G 17 -5.83 23.96 -13.00
CA ASN G 17 -7.26 23.67 -12.88
C ASN G 17 -7.66 22.46 -13.72
N GLU G 18 -7.12 22.38 -14.94
CA GLU G 18 -7.26 21.14 -15.71
C GLU G 18 -6.76 19.96 -14.89
N ALA G 19 -5.65 20.13 -14.18
CA ALA G 19 -5.14 19.07 -13.32
C ALA G 19 -6.20 18.63 -12.33
N LEU G 20 -6.87 19.58 -11.67
CA LEU G 20 -7.86 19.15 -10.69
C LEU G 20 -9.09 18.51 -11.30
N SER G 21 -9.41 18.81 -12.57
CA SER G 21 -10.57 18.10 -13.12
C SER G 21 -10.18 16.70 -13.61
N LEU G 22 -8.92 16.51 -14.07
CA LEU G 22 -8.45 15.14 -14.29
C LEU G 22 -8.45 14.35 -13.00
N LEU G 23 -8.12 15.02 -11.87
CA LEU G 23 -8.13 14.27 -10.62
C LEU G 23 -9.55 14.03 -10.09
N GLU G 24 -10.51 14.93 -10.31
CA GLU G 24 -11.90 14.68 -9.92
C GLU G 24 -12.54 13.64 -10.79
N LYS G 25 -12.03 13.46 -12.00
CA LYS G 25 -12.56 12.26 -12.57
C LYS G 25 -11.43 11.42 -13.16
N VAL G 26 -10.56 10.94 -12.27
CA VAL G 26 -9.80 9.70 -12.44
C VAL G 26 -10.29 8.59 -11.49
N ARG G 27 -11.29 8.89 -10.67
CA ARG G 27 -11.77 7.98 -9.63
C ARG G 27 -12.57 6.78 -10.18
N GLU G 28 -13.39 6.97 -11.21
CA GLU G 28 -14.14 5.86 -11.83
C GLU G 28 -13.23 4.88 -12.54
N SER G 29 -12.13 5.37 -13.10
CA SER G 29 -11.16 4.55 -13.83
C SER G 29 -10.02 4.06 -12.94
N GLY G 30 -9.43 4.95 -12.18
CA GLY G 30 -8.39 4.55 -11.26
C GLY G 30 -8.69 4.61 -9.78
N LYS G 31 -7.66 5.00 -9.02
CA LYS G 31 -7.71 5.04 -7.57
C LYS G 31 -6.77 6.16 -7.16
N VAL G 32 -7.21 6.99 -6.23
CA VAL G 32 -6.41 8.11 -5.76
C VAL G 32 -6.50 8.14 -4.24
N LYS G 33 -5.41 8.55 -3.58
CA LYS G 33 -5.46 8.59 -2.12
C LYS G 33 -5.47 10.06 -1.65
N LYS G 34 -6.31 10.34 -0.65
CA LYS G 34 -6.66 11.68 -0.19
C LYS G 34 -6.14 11.91 1.23
N GLY G 35 -5.59 13.10 1.50
CA GLY G 35 -4.97 13.39 2.77
C GLY G 35 -3.48 13.06 2.78
N THR G 36 -2.73 13.73 3.67
CA THR G 36 -1.29 13.68 3.48
C THR G 36 -0.60 12.47 4.08
N ASN G 37 -1.20 11.69 5.01
CA ASN G 37 -0.49 10.46 5.36
C ASN G 37 -0.80 9.32 4.40
N GLU G 38 -2.02 9.27 3.84
CA GLU G 38 -2.22 8.31 2.77
C GLU G 38 -1.29 8.60 1.60
N THR G 39 -1.05 9.88 1.31
CA THR G 39 -0.18 10.23 0.20
C THR G 39 1.29 10.09 0.57
N THR G 40 1.69 10.57 1.76
CA THR G 40 3.08 10.37 2.08
C THR G 40 3.46 8.88 2.04
N LYS G 41 2.56 7.98 2.52
CA LYS G 41 2.89 6.54 2.50
C LYS G 41 2.78 5.96 1.10
N ALA G 42 1.82 6.47 0.35
CA ALA G 42 1.78 6.20 -1.05
C ALA G 42 3.08 6.63 -1.73
N VAL G 43 3.67 7.74 -1.34
CA VAL G 43 4.91 7.99 -2.04
C VAL G 43 5.99 7.05 -1.51
N GLU G 44 5.99 6.75 -0.20
CA GLU G 44 7.06 5.99 0.41
C GLU G 44 7.12 4.55 -0.10
N ARG G 45 5.96 3.86 -0.16
CA ARG G 45 5.83 2.56 -0.86
C ARG G 45 6.49 2.60 -2.24
N GLY G 46 6.45 3.76 -2.92
CA GLY G 46 7.16 3.82 -4.15
C GLY G 46 6.36 3.46 -5.35
N LEU G 47 5.13 3.90 -5.37
CA LEU G 47 4.21 3.63 -6.46
C LEU G 47 3.44 4.88 -6.98
N ALA G 48 3.38 6.02 -6.25
CA ALA G 48 2.63 7.22 -6.70
C ALA G 48 3.13 7.72 -8.04
N LYS G 49 2.19 8.20 -8.90
CA LYS G 49 2.60 8.74 -10.21
C LYS G 49 2.51 10.25 -10.34
N LEU G 50 1.85 10.92 -9.40
CA LEU G 50 1.76 12.38 -9.39
C LEU G 50 0.94 12.85 -8.18
N VAL G 51 1.45 13.88 -7.52
CA VAL G 51 1.09 14.30 -6.17
C VAL G 51 0.66 15.76 -6.19
N TYR G 52 -0.37 16.06 -5.41
CA TYR G 52 -0.87 17.44 -5.32
C TYR G 52 -0.65 17.99 -3.92
N ILE G 53 -0.14 19.23 -3.85
CA ILE G 53 0.05 19.95 -2.60
C ILE G 53 -0.65 21.30 -2.70
N ALA G 54 -1.48 21.62 -1.71
CA ALA G 54 -2.10 22.93 -1.64
C ALA G 54 -1.13 23.96 -1.06
N GLU G 55 -1.11 25.18 -1.63
CA GLU G 55 -0.25 26.18 -0.99
C GLU G 55 -0.67 26.64 0.38
N ASP G 56 -1.96 26.65 0.70
CA ASP G 56 -2.46 27.44 1.81
C ASP G 56 -2.67 26.63 3.09
N VAL G 57 -1.86 25.61 3.32
CA VAL G 57 -1.99 24.89 4.58
C VAL G 57 -1.33 25.75 5.66
N ASP G 58 -1.97 25.90 6.82
CA ASP G 58 -1.54 27.06 7.58
C ASP G 58 -0.34 26.70 8.45
N PRO G 59 -0.29 25.52 9.05
CA PRO G 59 1.02 24.98 9.41
C PRO G 59 1.67 24.39 8.18
N PRO G 60 2.62 25.11 7.57
CA PRO G 60 3.34 24.57 6.40
C PRO G 60 3.93 23.20 6.63
N GLU G 61 4.28 22.85 7.87
CA GLU G 61 5.03 21.63 8.12
C GLU G 61 4.23 20.38 7.81
N ILE G 62 2.90 20.48 7.67
CA ILE G 62 2.11 19.28 7.40
C ILE G 62 2.42 18.78 6.00
N VAL G 63 2.76 19.68 5.09
CA VAL G 63 3.05 19.33 3.72
C VAL G 63 4.50 19.59 3.33
N ALA G 64 5.30 20.18 4.23
CA ALA G 64 6.62 20.71 3.87
C ALA G 64 7.60 19.62 3.45
N HIS G 65 7.37 18.38 3.85
CA HIS G 65 8.27 17.30 3.47
C HIS G 65 7.90 16.66 2.15
N LEU G 66 6.68 16.93 1.67
CA LEU G 66 6.26 16.30 0.41
C LEU G 66 7.04 16.76 -0.80
N PRO G 67 7.26 18.06 -1.06
CA PRO G 67 8.03 18.38 -2.27
C PRO G 67 9.37 17.67 -2.27
N LEU G 68 9.95 17.50 -1.07
CA LEU G 68 11.33 17.05 -0.99
C LEU G 68 11.43 15.54 -1.04
N LEU G 69 10.46 14.85 -0.46
CA LEU G 69 10.47 13.40 -0.56
C LEU G 69 9.76 12.94 -1.82
N CYS G 70 9.10 13.85 -2.51
CA CYS G 70 8.67 13.58 -3.87
C CYS G 70 9.85 13.65 -4.81
N GLU G 71 10.72 14.63 -4.62
CA GLU G 71 11.90 14.71 -5.48
C GLU G 71 12.83 13.52 -5.26
N GLU G 72 12.93 13.00 -4.01
CA GLU G 72 13.83 11.87 -3.75
C GLU G 72 13.39 10.58 -4.46
N LYS G 73 12.11 10.24 -4.43
CA LYS G 73 11.65 9.03 -5.11
C LYS G 73 10.93 9.33 -6.41
N ASN G 74 11.37 10.39 -7.11
CA ASN G 74 11.07 10.62 -8.53
C ASN G 74 9.56 10.56 -8.81
N VAL G 75 8.80 11.32 -8.05
CA VAL G 75 7.35 11.47 -8.27
C VAL G 75 7.07 12.88 -8.59
N PRO G 76 6.47 13.17 -9.76
CA PRO G 76 5.89 14.49 -10.05
C PRO G 76 5.00 15.02 -8.94
N TYR G 77 5.16 16.32 -8.62
CA TYR G 77 4.20 17.02 -7.78
C TYR G 77 3.85 18.37 -8.37
N ILE G 78 2.64 18.84 -8.06
CA ILE G 78 2.07 20.09 -8.55
C ILE G 78 1.34 20.80 -7.41
N TYR G 79 1.46 22.13 -7.39
CA TYR G 79 0.80 22.97 -6.39
C TYR G 79 -0.56 23.44 -6.91
N VAL G 80 -1.53 23.45 -6.00
CA VAL G 80 -2.88 23.94 -6.26
C VAL G 80 -3.29 24.78 -5.07
N LYS G 81 -3.90 25.92 -5.31
CA LYS G 81 -3.75 27.06 -4.41
C LYS G 81 -4.85 27.15 -3.33
N SER G 82 -5.67 26.12 -3.11
CA SER G 82 -6.46 26.12 -1.86
C SER G 82 -6.86 24.71 -1.47
N LYS G 83 -6.74 24.45 -0.15
CA LYS G 83 -7.16 23.19 0.46
C LYS G 83 -8.61 22.81 0.16
N ASN G 84 -9.54 23.77 0.05
CA ASN G 84 -10.93 23.37 -0.12
C ASN G 84 -11.19 22.80 -1.49
N ASP G 85 -10.58 23.40 -2.52
CA ASP G 85 -10.87 22.96 -3.88
C ASP G 85 -10.22 21.63 -4.19
N LEU G 86 -9.05 21.38 -3.58
CA LEU G 86 -8.50 20.04 -3.66
C LEU G 86 -9.38 19.06 -2.89
N GLY G 87 -9.94 19.52 -1.76
CA GLY G 87 -10.88 18.73 -0.97
C GLY G 87 -12.11 18.27 -1.70
N ARG G 88 -12.97 19.20 -2.12
CA ARG G 88 -14.12 18.76 -2.93
C ARG G 88 -13.69 18.18 -4.26
N ALA G 89 -12.45 18.43 -4.70
CA ALA G 89 -11.97 17.73 -5.88
C ALA G 89 -11.86 16.22 -5.61
N VAL G 90 -11.12 15.80 -4.59
CA VAL G 90 -11.05 14.36 -4.44
C VAL G 90 -12.38 13.76 -3.98
N GLY G 91 -13.36 14.59 -3.64
CA GLY G 91 -14.72 14.10 -3.42
C GLY G 91 -15.15 14.00 -1.99
N ILE G 92 -14.25 14.28 -1.07
CA ILE G 92 -14.56 14.36 0.35
C ILE G 92 -15.27 15.70 0.59
N GLU G 93 -15.81 15.88 1.80
CA GLU G 93 -16.61 17.06 2.14
C GLU G 93 -15.92 18.02 3.10
N VAL G 94 -14.61 17.91 3.29
CA VAL G 94 -13.85 18.85 4.11
C VAL G 94 -12.75 19.38 3.19
N PRO G 95 -11.76 20.14 3.66
CA PRO G 95 -10.61 20.40 2.79
C PRO G 95 -9.55 19.30 2.91
N CYS G 96 -8.65 19.32 1.94
CA CYS G 96 -7.62 18.32 1.77
C CYS G 96 -6.32 19.02 1.44
N ALA G 97 -5.24 18.66 2.14
CA ALA G 97 -3.96 19.34 1.93
C ALA G 97 -3.16 18.76 0.77
N SER G 98 -3.31 17.48 0.47
CA SER G 98 -2.49 16.84 -0.56
C SER G 98 -3.15 15.54 -0.98
N ALA G 99 -3.10 15.25 -2.27
CA ALA G 99 -3.67 14.00 -2.81
C ALA G 99 -2.62 13.35 -3.70
N ALA G 100 -2.91 12.14 -4.19
CA ALA G 100 -1.95 11.53 -5.10
C ALA G 100 -2.65 10.48 -5.94
N ILE G 101 -2.58 10.64 -7.28
CA ILE G 101 -3.12 9.61 -8.15
C ILE G 101 -2.27 8.35 -8.04
N ILE G 102 -2.94 7.23 -8.22
CA ILE G 102 -2.39 5.91 -8.05
C ILE G 102 -2.62 4.93 -9.20
N ASN G 103 -3.38 5.34 -10.19
CA ASN G 103 -3.39 4.61 -11.44
C ASN G 103 -4.33 5.44 -12.25
N GLU G 104 -4.06 5.53 -13.53
CA GLU G 104 -4.97 6.28 -14.35
C GLU G 104 -5.95 5.39 -15.10
N GLY G 105 -5.73 4.08 -15.08
CA GLY G 105 -6.56 3.16 -15.82
C GLY G 105 -6.81 3.61 -17.24
N GLU G 106 -7.85 4.43 -17.45
CA GLU G 106 -8.26 4.87 -18.78
C GLU G 106 -7.67 6.22 -19.21
N LEU G 107 -7.22 7.07 -18.28
CA LEU G 107 -6.66 8.38 -18.62
C LEU G 107 -5.18 8.44 -18.31
N ARG G 108 -4.28 7.73 -18.98
CA ARG G 108 -2.89 7.88 -18.53
C ARG G 108 -2.20 9.06 -19.20
N LYS G 109 -2.13 9.04 -20.53
CA LYS G 109 -1.37 10.08 -21.20
C LYS G 109 -2.15 11.39 -21.20
N GLU G 110 -3.46 11.38 -20.93
CA GLU G 110 -4.12 12.65 -20.64
C GLU G 110 -3.55 13.26 -19.37
N LEU G 111 -3.08 12.43 -18.43
CA LEU G 111 -2.30 12.85 -17.25
C LEU G 111 -0.82 13.00 -17.52
N GLY G 112 -0.27 12.11 -18.35
CA GLY G 112 1.12 12.25 -18.74
C GLY G 112 1.50 13.60 -19.35
N SER G 113 0.58 14.23 -20.13
CA SER G 113 0.79 15.60 -20.63
C SER G 113 1.12 16.54 -19.47
N LEU G 114 0.31 16.52 -18.41
CA LEU G 114 0.60 17.42 -17.29
C LEU G 114 1.92 17.07 -16.65
N VAL G 115 2.17 15.79 -16.42
CA VAL G 115 3.52 15.37 -16.16
C VAL G 115 4.50 15.88 -17.20
N GLU G 116 3.99 16.35 -18.42
CA GLU G 116 4.73 17.10 -19.47
C GLU G 116 4.52 18.67 -19.52
N LYS G 117 3.90 19.33 -18.53
CA LYS G 117 4.09 20.79 -18.24
C LYS G 117 4.80 21.11 -16.91
N ILE G 118 4.56 20.35 -15.82
CA ILE G 118 5.35 20.46 -14.58
C ILE G 118 6.88 20.49 -14.81
N LYS G 119 7.46 19.50 -15.52
CA LYS G 119 8.73 19.81 -16.28
C LYS G 119 9.38 21.19 -16.33
N GLY G 120 8.72 22.08 -17.08
CA GLY G 120 9.33 23.28 -17.60
C GLY G 120 9.23 24.48 -16.69
N LEU G 121 9.64 24.34 -15.44
CA LEU G 121 10.03 25.52 -14.69
C LEU G 121 11.12 25.11 -13.71
#